data_7QO2
#
_entry.id   7QO2
#
_cell.length_a   94.28
_cell.length_b   94.28
_cell.length_c   126.76
_cell.angle_alpha   90.00
_cell.angle_beta   90.00
_cell.angle_gamma   90.00
#
_symmetry.space_group_name_H-M   'P 43 21 2'
#
loop_
_entity.id
_entity.type
_entity.pdbx_description
1 polymer 'Cathepsin L2'
2 polymer 'GAKSAA Peptide'
3 polymer 'EYS Peptide'
4 non-polymer (4S)-2-METHYL-2,4-PENTANEDIOL
5 non-polymer 'CHLORIDE ION'
6 non-polymer GLYCEROL
7 non-polymer 'trifluoroacetic acid'
8 water water
#
loop_
_entity_poly.entity_id
_entity_poly.type
_entity_poly.pdbx_seq_one_letter_code
_entity_poly.pdbx_strand_id
1 'polypeptide(L)'
;DLPKSVDWRKKGYVTPVKNQKQCGSAWAFSATGALEGQMFRKTGKLVSLSEQNLVDCSRPQGNQGCNGGFMARAFQYVKE
NGGLDSEESYPYVAVDEICKYRPENSVAQDTGFTVVAPGKEKALMKAVATVGPISVAMDAGHSSFQFYKSGIYFEPDCSS
KNLDHGVLVVGYGFEGANSQNSKYWLVKNSWGPEWGSNGYVKIAKDKNNHCGIATAASYPNV
;
AA,BA
2 'polypeptide(L)' GAKSAA PAA,PAB
3 'polypeptide(L)' EYS PB
#
loop_
_chem_comp.id
_chem_comp.type
_chem_comp.name
_chem_comp.formula
CL non-polymer 'CHLORIDE ION' 'Cl -1'
GOL non-polymer GLYCEROL 'C3 H8 O3'
MPD non-polymer (4S)-2-METHYL-2,4-PENTANEDIOL 'C6 H14 O2'
TFA non-polymer 'trifluoroacetic acid' 'C2 H F3 O2'
#
# COMPACT_ATOMS: atom_id res chain seq x y z
N ASP A 1 25.39 8.50 3.23
CA ASP A 1 24.69 8.22 4.48
C ASP A 1 23.34 7.60 4.18
N LEU A 2 22.39 7.72 5.09
CA LEU A 2 21.05 7.13 4.90
C LEU A 2 20.16 7.90 3.96
N PRO A 3 19.22 7.23 3.29
CA PRO A 3 18.29 7.88 2.37
C PRO A 3 17.42 8.89 3.09
N LYS A 4 16.99 9.96 2.37
CA LYS A 4 16.07 10.97 2.99
C LYS A 4 14.66 10.36 3.27
N SER A 5 14.31 9.33 2.51
CA SER A 5 13.06 8.65 2.77
C SER A 5 13.18 7.21 2.37
N VAL A 6 12.29 6.37 2.93
CA VAL A 6 12.31 4.95 2.64
C VAL A 6 10.88 4.50 2.66
N ASP A 7 10.52 3.60 1.75
CA ASP A 7 9.16 3.05 1.79
C ASP A 7 9.26 1.64 1.27
N TRP A 8 9.35 0.64 2.19
CA TRP A 8 9.51 -0.74 1.70
C TRP A 8 8.26 -1.28 0.99
N ARG A 9 7.11 -0.64 1.19
CA ARG A 9 5.93 -1.17 0.46
C ARG A 9 6.10 -1.08 -1.07
N LYS A 10 6.85 -0.05 -1.50
CA LYS A 10 7.13 0.20 -2.93
C LYS A 10 8.19 -0.79 -3.54
N LYS A 11 8.78 -1.65 -2.76
CA LYS A 11 9.77 -2.62 -3.18
C LYS A 11 9.29 -4.03 -3.02
N GLY A 12 8.05 -4.20 -2.59
CA GLY A 12 7.45 -5.54 -2.53
C GLY A 12 7.59 -6.33 -1.24
N TYR A 13 8.09 -5.67 -0.19
CA TYR A 13 8.36 -6.29 1.10
C TYR A 13 7.18 -6.42 2.03
N VAL A 14 6.04 -5.80 1.68
CA VAL A 14 4.95 -5.69 2.63
C VAL A 14 3.66 -6.26 2.11
N THR A 15 3.01 -7.14 2.92
CA THR A 15 1.72 -7.68 2.52
C THR A 15 0.55 -6.66 2.72
N PRO A 16 -0.60 -6.90 2.13
CA PRO A 16 -1.76 -5.98 2.33
C PRO A 16 -2.13 -5.93 3.83
N VAL A 17 -2.72 -4.83 4.24
CA VAL A 17 -3.08 -4.65 5.68
C VAL A 17 -4.07 -5.71 6.14
N LYS A 18 -3.82 -6.20 7.32
CA LYS A 18 -4.65 -7.23 7.97
C LYS A 18 -5.46 -6.67 9.14
N ASN A 19 -6.27 -7.52 9.74
CA ASN A 19 -7.16 -7.07 10.85
C ASN A 19 -7.18 -8.09 12.00
N GLN A 20 -6.66 -7.70 13.14
CA GLN A 20 -6.57 -8.57 14.31
C GLN A 20 -7.96 -8.74 14.98
N LYS A 21 -8.91 -7.91 14.56
CA LYS A 21 -10.24 -7.93 15.18
C LYS A 21 -10.20 -7.90 16.73
N GLN A 22 -11.14 -8.60 17.39
CA GLN A 22 -11.25 -8.47 18.85
C GLN A 22 -10.39 -9.45 19.59
N CYS A 23 -9.09 -9.30 19.45
CA CYS A 23 -8.13 -10.24 20.05
C CYS A 23 -6.89 -9.42 20.25
N GLY A 24 -6.25 -9.48 21.42
CA GLY A 24 -5.03 -8.68 21.66
C GLY A 24 -3.77 -9.29 21.04
N SER A 25 -3.77 -9.40 19.71
CA SER A 25 -2.68 -10.12 19.00
C SER A 25 -1.84 -9.18 18.15
N ALA A 26 -1.84 -7.86 18.43
CA ALA A 26 -1.09 -6.98 17.49
C ALA A 26 0.39 -7.37 17.50
N TRP A 27 0.87 -7.89 18.67
CA TRP A 27 2.25 -8.32 18.69
C TRP A 27 2.52 -9.40 17.61
N ALA A 28 1.56 -10.25 17.32
CA ALA A 28 1.72 -11.32 16.35
C ALA A 28 1.73 -10.75 14.93
N PHE A 29 0.84 -9.76 14.67
CA PHE A 29 0.88 -9.11 13.36
C PHE A 29 2.14 -8.33 13.12
N SER A 30 2.65 -7.72 14.17
CA SER A 30 3.91 -6.98 14.02
C SER A 30 5.05 -7.94 13.69
N ALA A 31 5.06 -9.10 14.40
CA ALA A 31 6.12 -10.09 14.12
C ALA A 31 6.00 -10.70 12.72
N THR A 32 4.77 -11.10 12.32
CA THR A 32 4.70 -11.64 10.98
C THR A 32 5.05 -10.57 9.95
N GLY A 33 4.67 -9.33 10.18
CA GLY A 33 5.03 -8.31 9.17
C GLY A 33 6.55 -8.18 9.06
N ALA A 34 7.29 -8.22 10.20
CA ALA A 34 8.77 -8.11 10.09
C ALA A 34 9.37 -9.33 9.41
N LEU A 35 8.85 -10.55 9.76
CA LEU A 35 9.43 -11.79 9.13
C LEU A 35 9.03 -11.85 7.64
N GLU A 36 7.81 -11.31 7.25
CA GLU A 36 7.44 -11.30 5.83
C GLU A 36 8.47 -10.48 5.05
N GLY A 37 8.89 -9.33 5.59
CA GLY A 37 9.86 -8.55 4.85
C GLY A 37 11.24 -9.19 4.83
N GLN A 38 11.66 -9.84 5.94
CA GLN A 38 12.98 -10.45 5.90
C GLN A 38 12.99 -11.64 5.00
N MET A 39 11.94 -12.43 4.98
CA MET A 39 11.91 -13.59 4.05
C MET A 39 11.86 -13.12 2.60
N PHE A 40 11.17 -11.98 2.31
CA PHE A 40 11.18 -11.44 0.97
C PHE A 40 12.58 -10.96 0.54
N ARG A 41 13.33 -10.34 1.47
CA ARG A 41 14.72 -9.87 1.20
C ARG A 41 15.58 -11.03 0.90
N LYS A 42 15.36 -12.10 1.64
CA LYS A 42 16.15 -13.35 1.44
C LYS A 42 15.79 -14.23 0.22
N THR A 43 14.55 -14.30 -0.18
CA THR A 43 14.15 -15.22 -1.23
C THR A 43 13.53 -14.57 -2.42
N GLY A 44 13.15 -13.30 -2.31
CA GLY A 44 12.46 -12.70 -3.43
C GLY A 44 10.98 -13.05 -3.49
N LYS A 45 10.44 -13.85 -2.51
CA LYS A 45 9.01 -14.21 -2.55
C LYS A 45 8.24 -13.66 -1.34
N LEU A 46 7.10 -13.04 -1.64
CA LEU A 46 6.31 -12.42 -0.54
C LEU A 46 5.26 -13.42 -0.17
N VAL A 47 5.34 -13.98 1.02
CA VAL A 47 4.35 -14.94 1.50
C VAL A 47 3.75 -14.53 2.79
N SER A 48 2.40 -14.38 2.84
CA SER A 48 1.77 -13.94 4.06
C SER A 48 1.94 -15.03 5.17
N LEU A 49 2.27 -14.62 6.40
CA LEU A 49 2.58 -15.58 7.48
C LEU A 49 1.47 -15.64 8.52
N SER A 50 1.49 -16.74 9.27
CA SER A 50 0.37 -17.00 10.20
C SER A 50 0.41 -16.43 11.59
N GLU A 51 -0.42 -15.39 11.84
CA GLU A 51 -0.53 -14.88 13.18
C GLU A 51 -1.17 -15.88 14.11
N GLN A 52 -2.10 -16.67 13.57
CA GLN A 52 -2.79 -17.63 14.44
C GLN A 52 -1.80 -18.68 14.98
N ASN A 53 -0.81 -19.01 14.16
CA ASN A 53 0.20 -20.02 14.61
C ASN A 53 0.89 -19.47 15.82
N LEU A 54 1.19 -18.11 15.76
CA LEU A 54 1.90 -17.51 16.91
C LEU A 54 0.92 -17.45 18.14
N VAL A 55 -0.33 -17.07 17.91
CA VAL A 55 -1.30 -16.94 19.03
C VAL A 55 -1.45 -18.31 19.74
N ASP A 56 -1.67 -19.32 18.95
CA ASP A 56 -1.90 -20.63 19.58
C ASP A 56 -0.72 -21.36 20.14
N CYS A 57 0.50 -21.14 19.59
CA CYS A 57 1.65 -22.00 19.96
C CYS A 57 2.77 -21.37 20.72
N SER A 58 2.78 -20.03 20.93
CA SER A 58 3.97 -19.51 21.62
C SER A 58 3.82 -19.22 23.10
N ARG A 59 2.87 -19.92 23.79
CA ARG A 59 2.75 -19.73 25.24
C ARG A 59 4.08 -20.09 25.96
N PRO A 60 4.75 -21.17 25.56
CA PRO A 60 6.00 -21.56 26.24
C PRO A 60 7.06 -20.45 26.25
N GLN A 61 7.08 -19.61 25.21
CA GLN A 61 8.02 -18.48 25.06
C GLN A 61 7.57 -17.22 25.80
N GLY A 62 6.39 -17.27 26.48
CA GLY A 62 5.91 -16.16 27.25
C GLY A 62 4.85 -15.30 26.62
N ASN A 63 4.30 -15.71 25.50
CA ASN A 63 3.17 -14.92 24.94
C ASN A 63 1.86 -15.47 25.53
N GLN A 64 0.75 -14.73 25.40
CA GLN A 64 -0.55 -15.14 25.97
C GLN A 64 -1.65 -15.02 24.95
N GLY A 65 -1.32 -15.28 23.71
CA GLY A 65 -2.32 -15.27 22.63
C GLY A 65 -3.10 -13.98 22.52
N CYS A 66 -4.47 -14.10 22.61
CA CYS A 66 -5.37 -12.93 22.52
C CYS A 66 -5.27 -12.02 23.76
N ASN A 67 -4.55 -12.49 24.81
N ASN A 67 -4.54 -12.47 24.82
CA ASN A 67 -4.33 -11.66 26.01
CA ASN A 67 -4.36 -11.63 26.01
C ASN A 67 -3.03 -10.84 25.96
C ASN A 67 -3.06 -10.82 25.98
N GLY A 68 -2.30 -10.87 24.82
CA GLY A 68 -1.09 -10.05 24.69
C GLY A 68 0.16 -10.86 24.47
N GLY A 69 1.25 -10.16 24.21
CA GLY A 69 2.49 -10.86 23.88
C GLY A 69 3.54 -9.88 23.41
N PHE A 70 4.66 -10.39 22.93
CA PHE A 70 5.78 -9.55 22.53
C PHE A 70 6.40 -10.08 21.30
N MET A 71 6.77 -9.17 20.37
CA MET A 71 7.36 -9.60 19.12
C MET A 71 8.65 -10.36 19.33
N ALA A 72 9.48 -9.93 20.30
CA ALA A 72 10.74 -10.70 20.43
C ALA A 72 10.47 -12.17 20.87
N ARG A 73 9.42 -12.37 21.71
CA ARG A 73 9.09 -13.72 22.14
C ARG A 73 8.56 -14.46 20.94
N ALA A 74 7.85 -13.78 20.00
CA ALA A 74 7.46 -14.50 18.80
C ALA A 74 8.62 -14.96 17.92
N PHE A 75 9.63 -14.06 17.76
CA PHE A 75 10.76 -14.45 16.94
C PHE A 75 11.51 -15.59 17.67
N GLN A 76 11.49 -15.53 19.00
CA GLN A 76 12.15 -16.62 19.79
C GLN A 76 11.39 -17.92 19.55
N TYR A 77 10.06 -17.86 19.54
CA TYR A 77 9.30 -19.08 19.17
C TYR A 77 9.60 -19.61 17.77
N VAL A 78 9.69 -18.73 16.75
CA VAL A 78 9.94 -19.24 15.43
C VAL A 78 11.33 -19.93 15.39
N LYS A 79 12.30 -19.37 16.14
CA LYS A 79 13.62 -19.99 16.15
C LYS A 79 13.59 -21.32 16.83
N GLU A 80 12.98 -21.37 18.02
CA GLU A 80 12.92 -22.61 18.80
C GLU A 80 12.09 -23.65 18.13
N ASN A 81 11.06 -23.21 17.44
CA ASN A 81 10.15 -24.13 16.77
C ASN A 81 10.62 -24.67 15.45
N GLY A 82 11.61 -24.02 14.87
CA GLY A 82 12.15 -24.42 13.58
C GLY A 82 11.34 -23.96 12.39
N GLY A 83 10.30 -23.15 12.61
CA GLY A 83 9.51 -22.69 11.47
C GLY A 83 8.23 -21.96 11.86
N LEU A 84 7.49 -21.57 10.87
CA LEU A 84 6.23 -20.82 11.01
C LEU A 84 5.40 -21.07 9.78
N ASP A 85 4.10 -21.38 9.96
CA ASP A 85 3.22 -21.70 8.84
C ASP A 85 2.72 -20.48 8.10
N SER A 86 2.31 -20.70 6.88
CA SER A 86 1.73 -19.60 6.08
C SER A 86 0.30 -19.18 6.58
N GLU A 87 -0.12 -17.92 6.31
CA GLU A 87 -1.43 -17.42 6.61
C GLU A 87 -2.48 -18.33 5.96
N GLU A 88 -2.19 -18.76 4.74
N GLU A 88 -2.21 -18.76 4.78
CA GLU A 88 -3.14 -19.60 4.04
CA GLU A 88 -3.14 -19.61 4.09
C GLU A 88 -3.30 -20.97 4.68
C GLU A 88 -3.29 -20.98 4.74
N SER A 89 -2.26 -21.54 5.16
CA SER A 89 -2.39 -22.89 5.72
C SER A 89 -2.86 -22.94 7.17
N TYR A 90 -2.70 -21.86 7.89
CA TYR A 90 -3.04 -21.78 9.34
C TYR A 90 -3.76 -20.39 9.47
N PRO A 91 -5.02 -20.28 9.05
CA PRO A 91 -5.85 -19.07 9.04
C PRO A 91 -6.17 -18.44 10.35
N TYR A 92 -6.37 -17.11 10.28
CA TYR A 92 -6.65 -16.34 11.49
C TYR A 92 -8.12 -16.32 11.92
N VAL A 93 -8.40 -16.66 13.21
CA VAL A 93 -9.81 -16.66 13.66
C VAL A 93 -10.03 -15.77 14.87
N ALA A 94 -8.94 -15.13 15.34
CA ALA A 94 -9.03 -14.15 16.42
C ALA A 94 -9.55 -14.66 17.76
N VAL A 95 -9.25 -15.91 18.06
CA VAL A 95 -9.61 -16.46 19.38
C VAL A 95 -8.43 -17.43 19.71
N ASP A 96 -8.17 -17.71 21.01
CA ASP A 96 -7.09 -18.68 21.35
C ASP A 96 -7.53 -20.08 20.96
N GLU A 97 -6.71 -20.84 20.21
CA GLU A 97 -7.14 -22.15 19.81
C GLU A 97 -6.02 -23.13 20.07
N ILE A 98 -6.31 -24.39 19.81
CA ILE A 98 -5.21 -25.40 20.00
C ILE A 98 -4.06 -25.25 19.00
N CYS A 99 -2.83 -25.35 19.47
CA CYS A 99 -1.67 -25.24 18.53
C CYS A 99 -1.73 -26.31 17.43
N LYS A 100 -1.81 -25.90 16.13
CA LYS A 100 -1.87 -26.87 15.05
C LYS A 100 -0.70 -26.61 14.11
N TYR A 101 0.45 -26.34 14.71
CA TYR A 101 1.65 -26.11 13.85
C TYR A 101 2.01 -27.37 13.04
N ARG A 102 2.13 -27.25 11.72
CA ARG A 102 2.51 -28.29 10.77
C ARG A 102 3.79 -27.95 10.09
N PRO A 103 4.86 -28.66 10.37
CA PRO A 103 6.16 -28.36 9.74
C PRO A 103 6.16 -28.39 8.24
N GLU A 104 5.30 -29.26 7.63
CA GLU A 104 5.31 -29.40 6.19
C GLU A 104 4.77 -28.12 5.55
N ASN A 105 4.03 -27.31 6.36
CA ASN A 105 3.43 -26.06 5.86
C ASN A 105 4.27 -24.85 6.19
N SER A 106 5.40 -25.07 6.83
CA SER A 106 6.28 -23.96 7.23
C SER A 106 6.86 -23.19 6.02
N VAL A 107 6.85 -21.82 6.04
CA VAL A 107 7.42 -21.07 4.90
C VAL A 107 8.40 -20.03 5.43
N ALA A 108 8.70 -20.09 6.70
CA ALA A 108 9.65 -19.12 7.24
C ALA A 108 10.43 -19.67 8.40
N GLN A 109 11.64 -19.16 8.62
CA GLN A 109 12.48 -19.49 9.77
C GLN A 109 13.30 -18.29 10.21
N ASP A 110 13.79 -18.27 11.48
CA ASP A 110 14.74 -17.22 11.90
C ASP A 110 15.68 -17.85 12.92
N THR A 111 16.85 -17.22 13.15
CA THR A 111 17.83 -17.76 14.10
C THR A 111 17.84 -16.98 15.39
N GLY A 112 16.87 -16.06 15.55
CA GLY A 112 16.87 -15.22 16.71
C GLY A 112 16.51 -13.85 16.18
N PHE A 113 16.93 -12.80 16.88
CA PHE A 113 16.53 -11.48 16.42
C PHE A 113 17.51 -10.45 16.81
N THR A 114 17.45 -9.27 16.16
CA THR A 114 18.35 -8.16 16.52
C THR A 114 17.52 -7.08 17.16
N VAL A 115 18.00 -6.50 18.28
CA VAL A 115 17.36 -5.40 18.96
C VAL A 115 17.94 -4.03 18.55
N VAL A 116 17.09 -3.00 18.37
CA VAL A 116 17.61 -1.67 18.07
C VAL A 116 17.90 -1.02 19.39
N ALA A 117 18.97 -0.26 19.50
CA ALA A 117 19.17 0.32 20.85
C ALA A 117 17.91 1.09 21.33
N PRO A 118 17.45 0.80 22.58
CA PRO A 118 16.24 1.47 23.09
C PRO A 118 16.29 2.97 23.15
N GLY A 119 15.18 3.57 22.68
CA GLY A 119 15.04 5.01 22.69
C GLY A 119 15.84 5.71 21.61
N LYS A 120 16.65 4.99 20.80
CA LYS A 120 17.42 5.73 19.81
C LYS A 120 16.79 5.80 18.40
N GLU A 121 16.14 6.91 18.12
CA GLU A 121 15.48 7.07 16.79
C GLU A 121 16.43 7.06 15.61
N LYS A 122 17.67 7.53 15.80
CA LYS A 122 18.58 7.42 14.67
C LYS A 122 19.02 5.97 14.46
N ALA A 123 19.10 5.11 15.57
CA ALA A 123 19.43 3.73 15.33
C ALA A 123 18.29 3.08 14.60
N LEU A 124 17.07 3.50 14.95
CA LEU A 124 15.90 2.88 14.25
C LEU A 124 15.90 3.32 12.77
N MET A 125 16.26 4.57 12.50
CA MET A 125 16.32 5.01 11.08
C MET A 125 17.32 4.19 10.28
N LYS A 126 18.48 3.87 10.90
CA LYS A 126 19.45 3.06 10.24
C LYS A 126 18.97 1.66 10.01
N ALA A 127 18.25 1.09 11.03
CA ALA A 127 17.73 -0.25 10.84
C ALA A 127 16.68 -0.27 9.73
N VAL A 128 15.78 0.70 9.74
CA VAL A 128 14.73 0.72 8.68
C VAL A 128 15.37 0.89 7.29
N ALA A 129 16.41 1.72 7.20
CA ALA A 129 17.02 1.98 5.90
C ALA A 129 17.81 0.78 5.36
N THR A 130 18.47 0.02 6.26
CA THR A 130 19.31 -1.05 5.79
C THR A 130 18.78 -2.47 5.90
N VAL A 131 17.71 -2.67 6.64
CA VAL A 131 17.25 -4.05 6.85
C VAL A 131 15.93 -4.35 6.19
N GLY A 132 14.96 -3.42 6.36
CA GLY A 132 13.60 -3.66 5.86
C GLY A 132 12.63 -3.24 6.96
N PRO A 133 11.37 -3.65 6.90
CA PRO A 133 10.38 -3.26 7.95
C PRO A 133 10.80 -3.71 9.35
N ILE A 134 10.56 -2.91 10.40
CA ILE A 134 11.03 -3.23 11.74
C ILE A 134 9.85 -3.30 12.72
N SER A 135 9.83 -4.33 13.55
CA SER A 135 8.75 -4.41 14.60
C SER A 135 9.00 -3.40 15.69
N VAL A 136 7.96 -2.66 16.10
CA VAL A 136 8.12 -1.70 17.20
C VAL A 136 6.94 -1.74 18.09
N ALA A 137 7.07 -1.24 19.31
CA ALA A 137 5.93 -1.12 20.24
C ALA A 137 5.61 0.38 20.35
N MET A 138 4.34 0.74 20.59
CA MET A 138 4.04 2.17 20.74
C MET A 138 2.90 2.32 21.74
N ASP A 139 2.64 3.60 22.19
CA ASP A 139 1.51 3.88 23.04
C ASP A 139 0.39 4.26 22.10
N ALA A 140 -0.58 3.34 21.93
CA ALA A 140 -1.73 3.58 21.05
C ALA A 140 -3.03 3.83 21.84
N GLY A 141 -2.94 3.94 23.17
CA GLY A 141 -4.12 4.10 24.03
C GLY A 141 -4.76 5.48 24.04
N HIS A 142 -5.13 5.99 22.89
CA HIS A 142 -5.76 7.30 22.82
C HIS A 142 -6.85 7.33 21.74
N SER A 143 -7.99 8.04 22.02
N SER A 143 -7.96 8.09 22.03
CA SER A 143 -9.01 8.21 20.99
CA SER A 143 -9.01 8.28 21.03
C SER A 143 -8.44 8.94 19.78
C SER A 143 -8.46 8.95 19.80
N SER A 144 -7.41 9.80 19.99
CA SER A 144 -6.81 10.46 18.83
C SER A 144 -6.21 9.41 17.88
N PHE A 145 -5.79 8.24 18.44
CA PHE A 145 -5.21 7.19 17.57
C PHE A 145 -6.30 6.37 16.94
N GLN A 146 -7.29 6.04 17.73
CA GLN A 146 -8.43 5.27 17.25
C GLN A 146 -9.11 5.94 16.09
N PHE A 147 -9.21 7.29 16.13
CA PHE A 147 -9.87 8.04 15.04
C PHE A 147 -8.93 8.77 14.10
N TYR A 148 -7.64 8.37 14.09
CA TYR A 148 -6.71 9.01 13.18
C TYR A 148 -7.16 8.88 11.72
N LYS A 149 -6.95 9.91 10.91
CA LYS A 149 -7.32 9.82 9.50
C LYS A 149 -6.21 10.24 8.56
N SER A 150 -5.44 11.33 8.88
CA SER A 150 -4.42 11.74 7.92
C SER A 150 -3.40 12.69 8.52
N GLY A 151 -2.30 12.91 7.85
CA GLY A 151 -1.30 13.83 8.36
C GLY A 151 -0.36 13.20 9.38
N ILE A 152 0.50 14.03 10.01
CA ILE A 152 1.44 13.50 10.98
C ILE A 152 0.81 13.42 12.37
N TYR A 153 0.70 12.18 12.91
CA TYR A 153 0.14 11.97 14.23
C TYR A 153 1.04 12.45 15.35
N PHE A 154 0.46 13.27 16.23
CA PHE A 154 1.21 13.78 17.37
C PHE A 154 0.19 13.95 18.48
N GLU A 155 0.39 13.22 19.54
CA GLU A 155 -0.48 13.17 20.71
C GLU A 155 0.26 13.64 21.93
N PRO A 156 -0.09 14.80 22.49
CA PRO A 156 0.61 15.31 23.68
C PRO A 156 0.61 14.37 24.87
N ASP A 157 -0.39 13.54 25.03
CA ASP A 157 -0.50 12.60 26.15
C ASP A 157 0.26 11.26 25.91
N CYS A 158 0.95 11.13 24.75
CA CYS A 158 1.70 9.89 24.48
C CYS A 158 2.84 9.64 25.43
N SER A 159 3.05 8.38 25.72
CA SER A 159 4.15 7.91 26.54
C SER A 159 5.20 7.29 25.65
N SER A 160 6.48 7.52 25.97
CA SER A 160 7.59 6.93 25.23
C SER A 160 8.07 5.68 25.96
N LYS A 161 7.49 5.43 27.13
CA LYS A 161 7.90 4.32 28.03
C LYS A 161 6.88 3.22 28.27
N ASN A 162 5.59 3.57 28.52
CA ASN A 162 4.58 2.54 28.81
C ASN A 162 3.80 2.35 27.54
N LEU A 163 4.10 1.25 26.85
CA LEU A 163 3.52 0.96 25.54
C LEU A 163 2.48 -0.13 25.60
N ASP A 164 1.56 -0.13 24.64
CA ASP A 164 0.48 -1.13 24.70
C ASP A 164 0.14 -1.74 23.36
N HIS A 165 0.93 -1.50 22.33
CA HIS A 165 0.51 -1.97 21.01
C HIS A 165 1.68 -2.20 20.12
N GLY A 166 1.72 -3.37 19.48
CA GLY A 166 2.81 -3.68 18.52
C GLY A 166 2.40 -3.26 17.10
N VAL A 167 3.34 -2.60 16.35
CA VAL A 167 3.06 -2.18 14.96
C VAL A 167 4.31 -2.44 14.14
N LEU A 168 4.30 -2.00 12.87
CA LEU A 168 5.46 -2.32 11.98
C LEU A 168 5.89 -1.05 11.27
N VAL A 169 7.18 -0.66 11.43
CA VAL A 169 7.66 0.54 10.71
C VAL A 169 8.09 0.11 9.34
N VAL A 170 7.38 0.58 8.23
CA VAL A 170 7.77 0.18 6.88
C VAL A 170 8.58 1.25 6.14
N GLY A 171 8.87 2.37 6.79
CA GLY A 171 9.68 3.40 6.16
C GLY A 171 9.66 4.69 6.97
N TYR A 172 10.13 5.78 6.32
CA TYR A 172 10.13 7.12 6.97
C TYR A 172 10.17 8.14 5.87
N GLY A 173 9.77 9.34 6.19
CA GLY A 173 9.79 10.35 5.15
C GLY A 173 9.61 11.74 5.72
N PHE A 174 9.21 12.68 4.87
CA PHE A 174 9.06 14.03 5.32
C PHE A 174 8.08 14.73 4.43
N GLU A 175 7.44 15.73 4.99
CA GLU A 175 6.52 16.53 4.23
C GLU A 175 7.27 17.74 3.67
N GLY A 176 6.84 18.29 2.56
CA GLY A 176 7.51 19.49 2.03
C GLY A 176 8.84 19.27 1.35
N ALA A 177 9.63 20.35 1.13
CA ALA A 177 10.90 20.19 0.41
C ALA A 177 12.11 19.89 1.28
N ASN A 178 12.10 20.35 2.52
CA ASN A 178 13.23 20.12 3.42
C ASN A 178 13.15 18.75 4.03
N SER A 179 14.18 17.93 3.82
CA SER A 179 14.15 16.58 4.36
C SER A 179 14.43 16.51 5.88
N GLN A 180 14.84 17.63 6.54
CA GLN A 180 15.16 17.52 7.96
C GLN A 180 14.11 18.10 8.88
N ASN A 181 12.92 18.43 8.36
CA ASN A 181 11.86 18.92 9.26
C ASN A 181 10.52 18.32 8.84
N SER A 182 9.52 18.29 9.76
CA SER A 182 8.20 17.67 9.54
C SER A 182 8.40 16.21 9.09
N LYS A 183 9.24 15.52 9.82
CA LYS A 183 9.59 14.12 9.50
C LYS A 183 8.55 13.14 10.09
N TYR A 184 8.51 11.92 9.52
CA TYR A 184 7.55 10.96 10.10
C TYR A 184 7.98 9.56 9.87
N TRP A 185 7.49 8.68 10.71
CA TRP A 185 7.68 7.23 10.51
C TRP A 185 6.47 6.68 9.78
N LEU A 186 6.63 5.81 8.77
CA LEU A 186 5.51 5.17 8.04
C LEU A 186 5.20 3.89 8.81
N VAL A 187 4.00 3.79 9.40
CA VAL A 187 3.68 2.63 10.29
C VAL A 187 2.46 1.87 9.82
N LYS A 188 2.64 0.55 9.66
CA LYS A 188 1.54 -0.37 9.28
C LYS A 188 0.81 -0.83 10.58
N ASN A 189 -0.49 -0.65 10.65
CA ASN A 189 -1.30 -1.12 11.78
C ASN A 189 -1.99 -2.45 11.40
N SER A 190 -2.66 -3.09 12.35
CA SER A 190 -3.36 -4.35 12.12
C SER A 190 -4.86 -4.18 12.53
N TRP A 191 -5.45 -3.03 12.13
CA TRP A 191 -6.86 -2.77 12.43
C TRP A 191 -7.68 -2.72 11.15
N GLY A 192 -7.11 -3.31 10.08
CA GLY A 192 -7.76 -3.34 8.78
C GLY A 192 -7.45 -2.11 7.95
N PRO A 193 -7.61 -2.21 6.62
CA PRO A 193 -7.33 -1.12 5.68
C PRO A 193 -8.28 0.05 5.88
N GLU A 194 -9.43 -0.24 6.49
N GLU A 194 -9.42 -0.14 6.35
CA GLU A 194 -10.38 0.84 6.68
CA GLU A 194 -10.29 1.02 6.51
C GLU A 194 -9.99 1.83 7.79
C GLU A 194 -9.91 1.92 7.70
N TRP A 195 -9.12 1.41 8.72
CA TRP A 195 -8.67 2.32 9.77
C TRP A 195 -7.62 3.28 9.26
N GLY A 196 -7.54 4.51 9.80
CA GLY A 196 -6.45 5.41 9.42
C GLY A 196 -6.34 5.68 7.93
N SER A 197 -5.11 5.74 7.45
CA SER A 197 -4.83 6.01 6.06
C SER A 197 -4.56 4.74 5.31
N ASN A 198 -5.64 4.07 4.87
CA ASN A 198 -5.50 2.78 4.12
C ASN A 198 -4.77 1.75 5.04
N GLY A 199 -4.99 1.91 6.34
CA GLY A 199 -4.42 0.97 7.33
C GLY A 199 -3.12 1.41 7.95
N TYR A 200 -2.60 2.55 7.48
CA TYR A 200 -1.29 3.11 7.92
C TYR A 200 -1.44 4.39 8.69
N VAL A 201 -0.33 4.81 9.33
CA VAL A 201 -0.33 6.09 10.08
C VAL A 201 1.06 6.67 9.98
N LYS A 202 1.17 8.04 9.80
CA LYS A 202 2.48 8.69 9.84
C LYS A 202 2.68 9.15 11.27
N ILE A 203 3.72 8.67 11.97
CA ILE A 203 3.94 9.08 13.33
C ILE A 203 5.09 10.06 13.36
N ALA A 204 4.92 11.15 14.15
CA ALA A 204 5.97 12.19 14.15
C ALA A 204 7.31 11.54 14.49
N LYS A 205 8.34 11.90 13.69
CA LYS A 205 9.70 11.34 13.79
C LYS A 205 10.67 12.41 14.32
N ASP A 206 11.62 11.97 15.12
CA ASP A 206 12.65 12.83 15.73
C ASP A 206 12.02 13.93 16.58
N LYS A 207 10.91 13.58 17.25
CA LYS A 207 10.24 14.48 18.18
C LYS A 207 10.27 13.78 19.56
N ASN A 208 11.49 13.53 20.09
CA ASN A 208 11.70 12.87 21.35
C ASN A 208 11.06 11.51 21.43
N ASN A 209 11.25 10.69 20.39
CA ASN A 209 10.78 9.29 20.41
C ASN A 209 9.29 9.26 20.73
N HIS A 210 8.53 9.95 19.90
CA HIS A 210 7.11 10.11 20.20
C HIS A 210 6.31 8.79 20.22
N CYS A 211 5.47 8.60 21.23
CA CYS A 211 4.70 7.37 21.40
C CYS A 211 5.60 6.12 21.57
N GLY A 212 6.93 6.31 21.81
CA GLY A 212 7.83 5.19 22.10
C GLY A 212 8.22 4.36 20.89
N ILE A 213 8.06 4.86 19.64
CA ILE A 213 8.35 3.98 18.45
C ILE A 213 9.76 3.37 18.48
N ALA A 214 10.76 4.08 19.06
CA ALA A 214 12.09 3.50 19.12
C ALA A 214 12.44 2.83 20.44
N THR A 215 11.52 2.70 21.35
CA THR A 215 11.80 2.14 22.67
C THR A 215 12.01 0.62 22.66
N ALA A 216 11.26 -0.12 21.81
CA ALA A 216 11.41 -1.59 21.85
C ALA A 216 11.28 -2.15 20.43
N ALA A 217 12.24 -1.79 19.55
CA ALA A 217 12.23 -2.21 18.15
C ALA A 217 13.10 -3.39 17.95
N SER A 218 12.72 -4.30 17.06
CA SER A 218 13.61 -5.43 16.80
C SER A 218 13.23 -6.03 15.45
N TYR A 219 14.11 -6.88 14.89
CA TYR A 219 13.77 -7.57 13.65
C TYR A 219 14.34 -8.99 13.68
N PRO A 220 13.70 -9.96 13.04
CA PRO A 220 14.17 -11.34 13.01
C PRO A 220 15.42 -11.49 12.18
N ASN A 221 16.27 -12.45 12.50
CA ASN A 221 17.43 -12.72 11.65
C ASN A 221 17.14 -13.92 10.85
N VAL A 222 17.15 -13.81 9.52
CA VAL A 222 16.81 -14.96 8.67
C VAL A 222 18.06 -15.49 7.92
N ASP B 1 -21.73 -15.44 -12.60
CA ASP B 1 -20.36 -15.87 -12.85
C ASP B 1 -19.38 -14.82 -12.35
N LEU B 2 -19.54 -13.54 -12.75
CA LEU B 2 -18.59 -12.54 -12.23
C LEU B 2 -18.79 -12.26 -10.74
N PRO B 3 -17.73 -11.98 -9.95
CA PRO B 3 -17.83 -11.70 -8.51
C PRO B 3 -18.67 -10.46 -8.22
N LYS B 4 -19.40 -10.39 -7.08
CA LYS B 4 -20.20 -9.21 -6.80
C LYS B 4 -19.30 -8.06 -6.36
N SER B 5 -18.09 -8.38 -6.01
CA SER B 5 -17.17 -7.31 -5.59
C SER B 5 -15.74 -7.69 -5.82
N VAL B 6 -14.84 -6.68 -5.95
CA VAL B 6 -13.46 -7.02 -6.27
C VAL B 6 -12.61 -5.96 -5.68
N ASP B 7 -11.44 -6.32 -5.08
CA ASP B 7 -10.57 -5.24 -4.57
C ASP B 7 -9.14 -5.74 -4.68
N TRP B 8 -8.42 -5.28 -5.72
CA TRP B 8 -7.08 -5.79 -6.01
C TRP B 8 -6.12 -5.35 -4.94
N ARG B 9 -6.50 -4.34 -4.15
CA ARG B 9 -5.58 -3.92 -3.10
C ARG B 9 -5.37 -5.08 -2.08
N LYS B 10 -6.42 -5.88 -1.91
CA LYS B 10 -6.31 -7.03 -0.95
C LYS B 10 -5.41 -8.16 -1.45
N LYS B 11 -5.10 -8.19 -2.74
CA LYS B 11 -4.28 -9.26 -3.28
C LYS B 11 -2.87 -8.86 -3.60
N GLY B 12 -2.40 -7.64 -3.18
CA GLY B 12 -1.01 -7.27 -3.43
C GLY B 12 -0.66 -6.60 -4.76
N TYR B 13 -1.69 -6.17 -5.53
CA TYR B 13 -1.45 -5.55 -6.85
C TYR B 13 -1.21 -4.06 -6.86
N VAL B 14 -1.43 -3.40 -5.72
CA VAL B 14 -1.43 -1.94 -5.74
C VAL B 14 -0.47 -1.30 -4.81
N THR B 15 0.30 -0.37 -5.37
CA THR B 15 1.30 0.35 -4.54
C THR B 15 0.58 1.45 -3.75
N PRO B 16 1.23 2.15 -2.84
CA PRO B 16 0.59 3.22 -2.08
C PRO B 16 0.11 4.36 -2.97
N VAL B 17 -0.81 5.13 -2.40
CA VAL B 17 -1.28 6.36 -3.09
C VAL B 17 -0.12 7.31 -3.33
N LYS B 18 0.01 7.87 -4.51
CA LYS B 18 1.12 8.79 -4.81
C LYS B 18 0.54 10.20 -5.03
N ASN B 19 1.43 11.14 -5.36
CA ASN B 19 0.92 12.53 -5.52
C ASN B 19 1.63 13.21 -6.68
N GLN B 20 0.86 13.52 -7.73
CA GLN B 20 1.43 14.15 -8.92
C GLN B 20 1.84 15.61 -8.64
N LYS B 21 1.32 16.17 -7.55
CA LYS B 21 1.58 17.59 -7.25
C LYS B 21 1.21 18.49 -8.43
N GLN B 22 1.97 19.57 -8.62
N GLN B 22 1.93 19.62 -8.61
CA GLN B 22 1.66 20.59 -9.61
CA GLN B 22 1.61 20.62 -9.62
C GLN B 22 2.22 20.31 -10.99
C GLN B 22 2.18 20.32 -10.98
N CYS B 23 1.72 19.24 -11.59
CA CYS B 23 2.17 18.76 -12.86
C CYS B 23 1.00 17.94 -13.47
N GLY B 24 0.65 18.18 -14.75
CA GLY B 24 -0.43 17.42 -15.40
C GLY B 24 -0.02 16.04 -15.87
N SER B 25 0.40 15.19 -14.89
CA SER B 25 0.96 13.89 -15.17
C SER B 25 0.07 12.75 -14.71
N ALA B 26 -1.17 13.02 -14.48
CA ALA B 26 -2.02 11.91 -13.99
C ALA B 26 -2.05 10.72 -14.95
N TRP B 27 -1.91 11.00 -16.27
CA TRP B 27 -1.84 9.90 -17.24
C TRP B 27 -0.66 8.99 -16.91
N ALA B 28 0.45 9.58 -16.37
CA ALA B 28 1.58 8.71 -16.05
C ALA B 28 1.32 7.86 -14.83
N PHE B 29 0.60 8.41 -13.80
CA PHE B 29 0.30 7.65 -12.57
C PHE B 29 -0.69 6.53 -12.89
N SER B 30 -1.61 6.84 -13.75
CA SER B 30 -2.57 5.79 -14.17
C SER B 30 -1.83 4.67 -14.90
N ALA B 31 -0.87 5.02 -15.74
CA ALA B 31 -0.14 4.00 -16.48
C ALA B 31 0.76 3.18 -15.57
N THR B 32 1.49 3.87 -14.66
CA THR B 32 2.34 3.03 -13.83
C THR B 32 1.49 2.15 -12.94
N GLY B 33 0.28 2.63 -12.49
CA GLY B 33 -0.51 1.78 -11.62
C GLY B 33 -0.95 0.54 -12.35
N ALA B 34 -1.33 0.71 -13.63
CA ALA B 34 -1.70 -0.52 -14.36
C ALA B 34 -0.56 -1.46 -14.60
N LEU B 35 0.62 -0.92 -14.91
CA LEU B 35 1.75 -1.78 -15.18
C LEU B 35 2.24 -2.37 -13.85
N GLU B 36 2.08 -1.62 -12.69
CA GLU B 36 2.52 -2.27 -11.46
C GLU B 36 1.69 -3.52 -11.17
N GLY B 37 0.44 -3.45 -11.48
CA GLY B 37 -0.43 -4.57 -11.21
C GLY B 37 -0.16 -5.74 -12.15
N GLN B 38 0.01 -5.47 -13.45
CA GLN B 38 0.38 -6.58 -14.38
C GLN B 38 1.77 -7.16 -14.12
N MET B 39 2.82 -6.35 -13.72
CA MET B 39 4.09 -6.96 -13.40
C MET B 39 3.98 -7.81 -12.12
N PHE B 40 3.12 -7.41 -11.16
CA PHE B 40 3.02 -8.21 -9.93
C PHE B 40 2.33 -9.51 -10.30
N ARG B 41 1.38 -9.45 -11.19
CA ARG B 41 0.67 -10.68 -11.58
C ARG B 41 1.59 -11.67 -12.22
N LYS B 42 2.57 -11.16 -12.94
CA LYS B 42 3.56 -11.97 -13.63
C LYS B 42 4.70 -12.46 -12.78
N THR B 43 5.18 -11.63 -11.82
CA THR B 43 6.34 -12.03 -11.04
C THR B 43 6.14 -12.25 -9.54
N GLY B 44 5.05 -11.77 -8.96
CA GLY B 44 4.86 -11.86 -7.53
C GLY B 44 5.55 -10.70 -6.82
N LYS B 45 6.18 -9.74 -7.58
CA LYS B 45 6.89 -8.66 -6.91
C LYS B 45 6.20 -7.34 -7.20
N LEU B 46 5.77 -6.63 -6.15
CA LEU B 46 5.12 -5.35 -6.36
C LEU B 46 6.21 -4.34 -6.30
N VAL B 47 6.48 -3.65 -7.39
CA VAL B 47 7.59 -2.65 -7.40
C VAL B 47 7.09 -1.34 -7.99
N SER B 48 7.22 -0.25 -7.23
CA SER B 48 6.74 1.03 -7.73
C SER B 48 7.52 1.44 -9.01
N LEU B 49 6.82 1.93 -10.06
CA LEU B 49 7.47 2.31 -11.31
C LEU B 49 7.58 3.82 -11.41
N SER B 50 8.46 4.31 -12.33
CA SER B 50 8.76 5.73 -12.42
C SER B 50 7.87 6.58 -13.27
N GLU B 51 6.98 7.34 -12.65
CA GLU B 51 6.19 8.29 -13.44
C GLU B 51 7.16 9.32 -14.06
N GLN B 52 8.25 9.61 -13.35
CA GLN B 52 9.14 10.65 -13.91
C GLN B 52 9.79 10.20 -15.22
N ASN B 53 10.11 8.92 -15.31
CA ASN B 53 10.67 8.39 -16.54
C ASN B 53 9.59 8.58 -17.64
N LEU B 54 8.28 8.32 -17.35
CA LEU B 54 7.29 8.54 -18.41
C LEU B 54 7.14 10.02 -18.78
N VAL B 55 7.16 10.91 -17.77
CA VAL B 55 7.05 12.33 -18.06
C VAL B 55 8.22 12.81 -18.92
N ASP B 56 9.43 12.46 -18.52
CA ASP B 56 10.61 13.00 -19.23
C ASP B 56 10.90 12.39 -20.57
N CYS B 57 10.45 11.16 -20.79
CA CYS B 57 10.91 10.42 -21.97
C CYS B 57 9.90 10.07 -23.02
N SER B 58 8.61 10.26 -22.80
CA SER B 58 7.69 9.73 -23.83
C SER B 58 7.16 10.74 -24.79
N ARG B 59 7.87 11.86 -24.94
CA ARG B 59 7.40 12.87 -25.91
C ARG B 59 7.34 12.26 -27.32
N PRO B 60 8.32 11.43 -27.71
CA PRO B 60 8.27 10.84 -29.06
C PRO B 60 6.99 10.09 -29.33
N GLN B 61 6.40 9.48 -28.28
CA GLN B 61 5.18 8.73 -28.45
C GLN B 61 3.93 9.64 -28.44
N GLY B 62 4.09 10.98 -28.30
CA GLY B 62 2.97 11.89 -28.33
C GLY B 62 2.50 12.41 -26.99
N ASN B 63 3.24 12.05 -25.90
CA ASN B 63 2.85 12.59 -24.58
C ASN B 63 3.42 13.98 -24.41
N GLN B 64 2.89 14.80 -23.47
N GLN B 64 2.93 14.80 -23.46
CA GLN B 64 3.37 16.16 -23.30
CA GLN B 64 3.43 16.15 -23.32
C GLN B 64 3.80 16.46 -21.86
C GLN B 64 3.83 16.45 -21.86
N GLY B 65 4.29 15.44 -21.17
CA GLY B 65 4.85 15.65 -19.82
C GLY B 65 3.86 16.24 -18.82
N CYS B 66 4.20 17.41 -18.16
CA CYS B 66 3.32 18.04 -17.17
C CYS B 66 2.14 18.73 -17.90
N ASN B 67 2.19 18.75 -19.25
N ASN B 67 2.22 18.75 -19.25
CA ASN B 67 1.13 19.37 -20.03
CA ASN B 67 1.12 19.39 -20.02
C ASN B 67 0.09 18.37 -20.51
C ASN B 67 0.11 18.36 -20.53
N GLY B 68 0.18 17.13 -20.01
CA GLY B 68 -0.81 16.10 -20.35
C GLY B 68 -0.25 14.95 -21.19
N GLY B 69 -1.09 13.93 -21.36
CA GLY B 69 -0.70 12.74 -22.10
C GLY B 69 -1.76 11.65 -22.02
N PHE B 70 -1.40 10.43 -22.50
CA PHE B 70 -2.29 9.30 -22.55
C PHE B 70 -1.67 8.03 -22.03
N MET B 71 -2.49 7.25 -21.25
CA MET B 71 -1.92 6.02 -20.72
C MET B 71 -1.51 5.13 -21.87
N ALA B 72 -2.33 5.08 -22.92
CA ALA B 72 -1.89 4.23 -24.06
C ALA B 72 -0.56 4.65 -24.71
N ARG B 73 -0.25 5.99 -24.81
CA ARG B 73 1.03 6.37 -25.35
C ARG B 73 2.14 5.99 -24.37
N ALA B 74 1.81 5.95 -23.03
CA ALA B 74 2.82 5.50 -22.08
C ALA B 74 3.13 4.04 -22.29
N PHE B 75 2.06 3.19 -22.47
CA PHE B 75 2.37 1.77 -22.67
C PHE B 75 3.15 1.61 -23.98
N GLN B 76 2.87 2.47 -24.94
CA GLN B 76 3.61 2.44 -26.23
C GLN B 76 5.09 2.76 -26.05
N TYR B 77 5.40 3.74 -25.16
CA TYR B 77 6.77 4.07 -24.92
C TYR B 77 7.47 2.91 -24.24
N VAL B 78 6.79 2.25 -23.25
CA VAL B 78 7.51 1.21 -22.56
C VAL B 78 7.87 0.11 -23.57
N LYS B 79 6.95 -0.14 -24.49
CA LYS B 79 7.22 -1.17 -25.52
C LYS B 79 8.36 -0.74 -26.44
N GLU B 80 8.30 0.51 -26.96
CA GLU B 80 9.33 0.98 -27.90
C GLU B 80 10.68 1.12 -27.25
N ASN B 81 10.68 1.43 -25.93
CA ASN B 81 11.91 1.67 -25.20
C ASN B 81 12.57 0.42 -24.70
N GLY B 82 11.80 -0.65 -24.59
CA GLY B 82 12.34 -1.90 -24.13
C GLY B 82 12.39 -1.93 -22.63
N GLY B 83 11.82 -0.89 -21.95
CA GLY B 83 11.85 -0.92 -20.50
C GLY B 83 11.27 0.33 -19.86
N LEU B 84 11.22 0.30 -18.53
CA LEU B 84 10.75 1.39 -17.65
C LEU B 84 11.45 1.21 -16.26
N ASP B 85 12.06 2.29 -15.76
CA ASP B 85 12.79 2.27 -14.53
C ASP B 85 11.93 2.28 -13.32
N SER B 86 12.50 1.76 -12.24
CA SER B 86 11.82 1.76 -10.93
C SER B 86 11.70 3.21 -10.41
N GLU B 87 10.66 3.50 -9.61
CA GLU B 87 10.62 4.85 -8.99
C GLU B 87 11.87 5.03 -8.15
N GLU B 88 12.33 3.96 -7.52
CA GLU B 88 13.53 4.15 -6.66
C GLU B 88 14.73 4.69 -7.44
N SER B 89 14.93 4.21 -8.63
CA SER B 89 16.07 4.63 -9.41
C SER B 89 15.86 5.98 -10.10
N TYR B 90 14.61 6.33 -10.33
CA TYR B 90 14.22 7.51 -11.15
C TYR B 90 13.09 8.20 -10.46
N PRO B 91 13.37 8.94 -9.40
CA PRO B 91 12.41 9.67 -8.54
C PRO B 91 11.57 10.77 -9.17
N TYR B 92 10.38 10.96 -8.59
CA TYR B 92 9.43 11.94 -9.14
C TYR B 92 9.62 13.31 -8.59
N VAL B 93 9.83 14.36 -9.44
CA VAL B 93 9.97 15.71 -8.94
C VAL B 93 8.87 16.66 -9.42
N ALA B 94 7.86 16.14 -10.14
CA ALA B 94 6.70 16.95 -10.51
C ALA B 94 7.00 18.13 -11.43
N VAL B 95 8.03 17.97 -12.31
CA VAL B 95 8.34 18.98 -13.29
C VAL B 95 8.86 18.25 -14.51
N ASP B 96 8.83 18.90 -15.67
CA ASP B 96 9.31 18.28 -16.91
C ASP B 96 10.81 18.33 -16.96
N GLU B 97 11.47 17.23 -17.07
CA GLU B 97 12.97 17.21 -17.12
C GLU B 97 13.49 16.41 -18.27
N ILE B 98 14.83 16.46 -18.44
CA ILE B 98 15.49 15.71 -19.54
C ILE B 98 15.44 14.24 -19.23
N CYS B 99 15.18 13.39 -20.25
CA CYS B 99 15.12 11.95 -20.04
C CYS B 99 16.42 11.39 -19.47
N LYS B 100 16.34 10.52 -18.43
CA LYS B 100 17.50 9.89 -17.82
C LYS B 100 17.34 8.37 -17.75
N TYR B 101 16.55 7.81 -18.69
CA TYR B 101 16.32 6.39 -18.65
C TYR B 101 17.60 5.59 -18.75
N ARG B 102 17.70 4.57 -17.93
CA ARG B 102 18.83 3.64 -17.97
C ARG B 102 18.28 2.27 -18.02
N PRO B 103 18.61 1.45 -19.03
CA PRO B 103 18.09 0.07 -19.11
C PRO B 103 18.44 -0.82 -17.92
N GLU B 104 19.59 -0.55 -17.32
CA GLU B 104 20.03 -1.39 -16.21
C GLU B 104 19.08 -1.19 -15.04
N ASN B 105 18.35 -0.03 -15.05
CA ASN B 105 17.41 0.22 -13.94
C ASN B 105 16.01 -0.19 -14.28
N SER B 106 15.81 -0.76 -15.49
CA SER B 106 14.43 -1.16 -15.83
C SER B 106 13.93 -2.31 -14.96
N VAL B 107 12.62 -2.32 -14.60
CA VAL B 107 12.05 -3.38 -13.78
C VAL B 107 10.73 -3.74 -14.41
N ALA B 108 10.44 -3.21 -15.61
CA ALA B 108 9.16 -3.57 -16.24
C ALA B 108 9.26 -3.49 -17.74
N GLN B 109 8.37 -4.20 -18.41
CA GLN B 109 8.32 -4.24 -19.86
C GLN B 109 6.91 -4.51 -20.32
N ASP B 110 6.57 -4.10 -21.53
CA ASP B 110 5.26 -4.52 -22.06
C ASP B 110 5.39 -4.64 -23.58
N THR B 111 4.47 -5.42 -24.17
CA THR B 111 4.51 -5.67 -25.61
C THR B 111 3.43 -4.86 -26.36
N GLY B 112 2.70 -4.03 -25.62
CA GLY B 112 1.62 -3.26 -26.21
C GLY B 112 0.56 -3.10 -25.14
N PHE B 113 -0.69 -2.95 -25.55
CA PHE B 113 -1.75 -2.75 -24.62
C PHE B 113 -3.06 -3.23 -25.21
N THR B 114 -4.05 -3.48 -24.34
CA THR B 114 -5.37 -3.94 -24.76
C THR B 114 -6.39 -2.88 -24.41
N VAL B 115 -7.28 -2.58 -25.36
CA VAL B 115 -8.33 -1.63 -25.11
C VAL B 115 -9.65 -2.29 -24.73
N VAL B 116 -10.32 -1.81 -23.68
CA VAL B 116 -11.61 -2.35 -23.26
C VAL B 116 -12.64 -1.84 -24.24
N ALA B 117 -13.75 -2.58 -24.49
CA ALA B 117 -14.69 -2.04 -25.48
C ALA B 117 -15.17 -0.69 -25.00
N PRO B 118 -15.02 0.37 -25.83
CA PRO B 118 -15.47 1.67 -25.31
C PRO B 118 -16.93 1.83 -24.95
N GLY B 119 -17.12 2.57 -23.86
CA GLY B 119 -18.44 2.89 -23.34
C GLY B 119 -19.12 1.71 -22.66
N LYS B 120 -18.49 0.52 -22.66
CA LYS B 120 -19.15 -0.64 -22.08
C LYS B 120 -18.72 -0.97 -20.66
N GLU B 121 -19.55 -0.53 -19.70
CA GLU B 121 -19.22 -0.87 -18.32
C GLU B 121 -19.21 -2.39 -18.06
N LYS B 122 -20.05 -3.22 -18.77
CA LYS B 122 -19.92 -4.61 -18.45
C LYS B 122 -18.61 -5.14 -18.97
N ALA B 123 -18.04 -4.56 -20.07
CA ALA B 123 -16.76 -5.02 -20.52
C ALA B 123 -15.75 -4.58 -19.52
N LEU B 124 -15.97 -3.39 -18.98
CA LEU B 124 -14.96 -2.93 -17.95
C LEU B 124 -15.01 -3.81 -16.67
N MET B 125 -16.21 -4.20 -16.24
CA MET B 125 -16.34 -5.04 -15.06
C MET B 125 -15.66 -6.35 -15.30
N LYS B 126 -15.83 -6.91 -16.52
CA LYS B 126 -15.12 -8.16 -16.82
C LYS B 126 -13.63 -7.98 -16.85
N ALA B 127 -13.13 -6.83 -17.35
CA ALA B 127 -11.65 -6.74 -17.39
C ALA B 127 -11.11 -6.60 -15.97
N VAL B 128 -11.83 -5.85 -15.16
CA VAL B 128 -11.37 -5.65 -13.77
C VAL B 128 -11.39 -6.96 -13.03
N ALA B 129 -12.47 -7.80 -13.25
CA ALA B 129 -12.47 -9.09 -12.53
C ALA B 129 -11.43 -10.07 -13.00
N THR B 130 -11.02 -9.98 -14.25
CA THR B 130 -10.10 -10.99 -14.75
C THR B 130 -8.68 -10.58 -15.06
N VAL B 131 -8.32 -9.27 -14.97
CA VAL B 131 -7.00 -8.90 -15.39
C VAL B 131 -6.24 -8.30 -14.23
N GLY B 132 -6.94 -7.41 -13.54
CA GLY B 132 -6.36 -6.67 -12.40
C GLY B 132 -6.74 -5.22 -12.56
N PRO B 133 -5.99 -4.29 -11.93
CA PRO B 133 -6.32 -2.87 -12.08
C PRO B 133 -6.29 -2.39 -13.52
N ILE B 134 -7.22 -1.46 -13.85
CA ILE B 134 -7.29 -0.99 -15.26
C ILE B 134 -7.14 0.55 -15.35
N SER B 135 -6.33 1.04 -16.30
CA SER B 135 -6.21 2.47 -16.50
C SER B 135 -7.48 2.98 -17.11
N VAL B 136 -8.02 4.12 -16.62
CA VAL B 136 -9.21 4.72 -17.19
C VAL B 136 -9.12 6.24 -17.17
N ALA B 137 -9.85 6.91 -18.04
CA ALA B 137 -9.84 8.37 -17.99
C ALA B 137 -11.21 8.80 -17.50
N MET B 138 -11.34 9.94 -16.85
CA MET B 138 -12.63 10.40 -16.36
C MET B 138 -12.73 11.94 -16.43
N ASP B 139 -13.96 12.44 -16.26
CA ASP B 139 -14.26 13.86 -16.20
C ASP B 139 -14.14 14.23 -14.72
N ALA B 140 -12.97 14.81 -14.32
CA ALA B 140 -12.73 15.22 -12.92
C ALA B 140 -12.90 16.74 -12.78
N GLY B 141 -13.39 17.42 -13.85
CA GLY B 141 -13.44 18.88 -13.86
C GLY B 141 -14.59 19.56 -13.15
N HIS B 142 -14.87 19.18 -11.91
CA HIS B 142 -15.96 19.74 -11.13
C HIS B 142 -15.50 19.94 -9.68
N SER B 143 -15.93 21.02 -9.01
CA SER B 143 -15.44 21.27 -7.65
C SER B 143 -15.82 20.16 -6.71
N SER B 144 -16.95 19.52 -6.98
CA SER B 144 -17.41 18.38 -6.13
C SER B 144 -16.35 17.25 -6.10
N PHE B 145 -15.50 17.12 -7.16
CA PHE B 145 -14.50 16.08 -7.16
C PHE B 145 -13.34 16.53 -6.35
N GLN B 146 -12.98 17.81 -6.50
CA GLN B 146 -11.87 18.31 -5.75
C GLN B 146 -12.14 18.24 -4.24
N PHE B 147 -13.41 18.42 -3.82
CA PHE B 147 -13.74 18.41 -2.41
C PHE B 147 -14.39 17.11 -1.94
N TYR B 148 -14.34 16.08 -2.73
CA TYR B 148 -14.93 14.78 -2.36
C TYR B 148 -14.32 14.24 -1.11
N LYS B 149 -15.14 13.64 -0.24
CA LYS B 149 -14.55 13.05 0.97
C LYS B 149 -14.93 11.57 1.22
N SER B 150 -16.18 11.20 0.97
CA SER B 150 -16.50 9.79 1.26
C SER B 150 -17.76 9.43 0.55
N GLY B 151 -18.14 8.16 0.52
CA GLY B 151 -19.41 7.85 -0.15
C GLY B 151 -19.37 7.67 -1.65
N ILE B 152 -20.58 7.50 -2.27
CA ILE B 152 -20.54 7.23 -3.70
C ILE B 152 -20.57 8.57 -4.40
N TYR B 153 -19.58 8.81 -5.24
CA TYR B 153 -19.53 10.10 -5.92
C TYR B 153 -20.49 10.09 -7.10
N PHE B 154 -21.40 11.07 -7.11
CA PHE B 154 -22.31 11.23 -8.25
C PHE B 154 -22.44 12.74 -8.53
N GLU B 155 -22.01 13.12 -9.72
CA GLU B 155 -22.00 14.52 -10.18
C GLU B 155 -22.94 14.66 -11.33
N PRO B 156 -24.05 15.32 -11.11
CA PRO B 156 -25.02 15.49 -12.23
C PRO B 156 -24.49 16.14 -13.49
N ASP B 157 -23.52 17.06 -13.37
CA ASP B 157 -22.96 17.69 -14.59
C ASP B 157 -21.82 16.87 -15.26
N CYS B 158 -21.52 15.65 -14.76
CA CYS B 158 -20.43 14.91 -15.38
C CYS B 158 -20.61 14.54 -16.84
N SER B 159 -19.53 14.63 -17.58
CA SER B 159 -19.51 14.18 -18.95
C SER B 159 -18.89 12.76 -19.12
N SER B 160 -19.42 11.97 -20.08
N SER B 160 -19.40 11.93 -20.11
CA SER B 160 -18.89 10.65 -20.40
CA SER B 160 -18.82 10.63 -20.40
C SER B 160 -18.10 10.71 -21.69
C SER B 160 -17.99 10.68 -21.68
N LYS B 161 -17.88 11.92 -22.23
CA LYS B 161 -17.21 12.05 -23.52
C LYS B 161 -16.00 12.94 -23.48
N ASN B 162 -16.09 13.98 -22.69
CA ASN B 162 -14.99 14.93 -22.56
C ASN B 162 -14.33 14.67 -21.22
N LEU B 163 -13.20 13.97 -21.29
CA LEU B 163 -12.46 13.53 -20.11
C LEU B 163 -11.21 14.32 -19.95
N ASP B 164 -10.75 14.50 -18.69
CA ASP B 164 -9.55 15.31 -18.51
C ASP B 164 -8.62 14.72 -17.49
N HIS B 165 -8.88 13.50 -17.01
CA HIS B 165 -7.99 13.03 -15.88
C HIS B 165 -7.86 11.52 -15.92
N GLY B 166 -6.64 11.00 -15.80
CA GLY B 166 -6.40 9.55 -15.87
C GLY B 166 -6.36 9.03 -14.44
N VAL B 167 -7.03 7.93 -14.14
CA VAL B 167 -7.02 7.34 -12.78
C VAL B 167 -6.94 5.80 -12.91
N LEU B 168 -7.10 5.04 -11.78
CA LEU B 168 -6.90 3.59 -11.89
C LEU B 168 -8.03 2.90 -11.24
N VAL B 169 -8.72 2.02 -11.99
CA VAL B 169 -9.79 1.27 -11.35
C VAL B 169 -9.15 0.02 -10.67
N VAL B 170 -9.22 -0.06 -9.32
CA VAL B 170 -8.66 -1.23 -8.65
C VAL B 170 -9.74 -2.20 -8.21
N GLY B 171 -11.00 -1.92 -8.45
CA GLY B 171 -12.00 -2.91 -8.04
C GLY B 171 -13.39 -2.34 -8.23
N TYR B 172 -14.36 -3.00 -7.67
CA TYR B 172 -15.72 -2.52 -7.70
C TYR B 172 -16.55 -3.18 -6.54
N GLY B 173 -17.70 -2.61 -6.21
CA GLY B 173 -18.50 -3.18 -5.12
C GLY B 173 -19.88 -2.54 -5.02
N PHE B 174 -20.45 -2.57 -3.82
CA PHE B 174 -21.74 -1.98 -3.55
C PHE B 174 -21.92 -1.70 -2.06
N GLU B 175 -22.63 -0.61 -1.72
CA GLU B 175 -22.97 -0.27 -0.35
C GLU B 175 -24.31 -0.89 -0.05
N GLY B 176 -24.58 -1.17 1.21
CA GLY B 176 -25.86 -1.78 1.59
C GLY B 176 -25.89 -3.29 1.48
N ALA B 177 -27.08 -3.87 1.72
CA ALA B 177 -27.28 -5.32 1.74
C ALA B 177 -27.25 -6.08 0.41
N ASN B 178 -27.75 -5.52 -0.71
CA ASN B 178 -27.75 -6.32 -1.94
C ASN B 178 -26.85 -5.76 -3.04
N SER B 179 -26.21 -6.68 -3.77
CA SER B 179 -25.24 -6.44 -4.83
C SER B 179 -25.73 -5.64 -6.05
N GLN B 180 -27.04 -5.65 -6.32
CA GLN B 180 -27.59 -4.97 -7.49
C GLN B 180 -27.85 -3.46 -7.40
N ASN B 181 -27.71 -2.82 -6.23
CA ASN B 181 -27.94 -1.37 -6.20
C ASN B 181 -26.92 -0.68 -5.34
N SER B 182 -26.71 0.63 -5.62
CA SER B 182 -25.67 1.44 -5.00
C SER B 182 -24.30 0.86 -5.35
N LYS B 183 -24.11 0.49 -6.62
CA LYS B 183 -22.84 -0.06 -7.07
C LYS B 183 -21.81 1.04 -7.28
N TYR B 184 -20.54 0.68 -7.14
CA TYR B 184 -19.50 1.70 -7.40
C TYR B 184 -18.24 1.11 -7.91
N TRP B 185 -17.43 1.97 -8.58
CA TRP B 185 -16.11 1.61 -9.04
C TRP B 185 -15.15 2.10 -7.93
N LEU B 186 -14.15 1.27 -7.61
CA LEU B 186 -13.14 1.62 -6.62
C LEU B 186 -12.01 2.23 -7.41
N VAL B 187 -11.73 3.51 -7.18
CA VAL B 187 -10.68 4.22 -8.02
C VAL B 187 -9.52 4.81 -7.24
N LYS B 188 -8.34 4.49 -7.66
CA LYS B 188 -7.12 5.06 -7.04
C LYS B 188 -6.82 6.38 -7.75
N ASN B 189 -6.72 7.48 -6.95
CA ASN B 189 -6.32 8.80 -7.53
C ASN B 189 -4.82 9.07 -7.31
N SER B 190 -4.31 10.17 -7.88
CA SER B 190 -2.86 10.53 -7.68
C SER B 190 -2.76 11.93 -7.12
N TRP B 191 -3.56 12.24 -6.13
CA TRP B 191 -3.51 13.57 -5.48
C TRP B 191 -3.09 13.43 -4.04
N GLY B 192 -2.39 12.35 -3.73
CA GLY B 192 -1.95 12.09 -2.36
C GLY B 192 -3.05 11.52 -1.47
N PRO B 193 -2.65 10.92 -0.34
CA PRO B 193 -3.49 10.29 0.66
C PRO B 193 -4.47 11.21 1.32
N GLU B 194 -4.10 12.50 1.37
CA GLU B 194 -4.96 13.43 2.09
C GLU B 194 -6.22 13.84 1.31
N TRP B 195 -6.22 13.64 -0.03
CA TRP B 195 -7.41 13.95 -0.82
C TRP B 195 -8.45 12.84 -0.74
N GLY B 196 -9.73 13.18 -0.78
CA GLY B 196 -10.72 12.13 -0.86
C GLY B 196 -10.80 11.17 0.30
N SER B 197 -11.05 9.88 -0.03
CA SER B 197 -11.14 8.87 1.00
C SER B 197 -9.74 8.22 1.09
N ASN B 198 -8.82 8.90 1.79
CA ASN B 198 -7.42 8.45 1.90
C ASN B 198 -6.82 8.14 0.49
N GLY B 199 -7.16 9.02 -0.49
CA GLY B 199 -6.58 8.95 -1.82
C GLY B 199 -7.41 8.21 -2.84
N TYR B 200 -8.51 7.57 -2.37
CA TYR B 200 -9.40 6.78 -3.23
C TYR B 200 -10.81 7.44 -3.36
N VAL B 201 -11.56 7.00 -4.38
CA VAL B 201 -12.93 7.53 -4.52
C VAL B 201 -13.79 6.38 -5.03
N LYS B 202 -15.06 6.34 -4.54
CA LYS B 202 -16.03 5.38 -5.10
C LYS B 202 -16.85 6.13 -6.17
N ILE B 203 -16.83 5.67 -7.46
CA ILE B 203 -17.61 6.38 -8.46
C ILE B 203 -18.83 5.58 -8.81
N ALA B 204 -19.97 6.22 -8.96
CA ALA B 204 -21.19 5.43 -9.24
C ALA B 204 -20.98 4.49 -10.44
N LYS B 205 -21.45 3.19 -10.32
CA LYS B 205 -21.25 2.18 -11.34
C LYS B 205 -22.62 1.80 -11.90
N ASP B 206 -22.64 1.50 -13.19
CA ASP B 206 -23.82 1.11 -13.92
C ASP B 206 -24.87 2.21 -13.87
N LYS B 207 -24.39 3.48 -13.84
CA LYS B 207 -25.25 4.65 -13.86
C LYS B 207 -24.93 5.40 -15.15
N ASN B 208 -25.05 4.68 -16.27
CA ASN B 208 -24.79 5.24 -17.60
C ASN B 208 -23.36 5.75 -17.89
N ASN B 209 -22.31 4.95 -17.53
CA ASN B 209 -20.93 5.32 -17.76
C ASN B 209 -20.64 6.69 -17.12
N HIS B 210 -20.99 6.81 -15.84
CA HIS B 210 -20.87 8.06 -15.10
C HIS B 210 -19.45 8.58 -15.13
N CYS B 211 -19.29 9.89 -15.44
CA CYS B 211 -18.00 10.55 -15.58
C CYS B 211 -17.05 9.90 -16.64
N GLY B 212 -17.55 8.97 -17.53
CA GLY B 212 -16.71 8.43 -18.60
C GLY B 212 -15.73 7.34 -18.21
N ILE B 213 -15.98 6.71 -17.03
CA ILE B 213 -15.00 5.69 -16.51
C ILE B 213 -14.76 4.55 -17.49
N ALA B 214 -15.81 4.13 -18.28
CA ALA B 214 -15.61 3.05 -19.22
C ALA B 214 -15.35 3.56 -20.68
N THR B 215 -15.25 4.90 -20.89
CA THR B 215 -15.02 5.42 -22.25
C THR B 215 -13.67 5.13 -22.85
N ALA B 216 -12.58 5.15 -22.02
CA ALA B 216 -11.25 4.98 -22.55
C ALA B 216 -10.38 4.19 -21.59
N ALA B 217 -10.74 2.92 -21.41
CA ALA B 217 -10.00 2.05 -20.47
C ALA B 217 -9.04 1.12 -21.20
N SER B 218 -7.91 0.80 -20.59
CA SER B 218 -6.92 -0.08 -21.22
C SER B 218 -5.97 -0.63 -20.18
N TYR B 219 -5.16 -1.62 -20.56
CA TYR B 219 -4.15 -2.23 -19.69
C TYR B 219 -3.01 -2.76 -20.50
N PRO B 220 -1.77 -2.67 -19.99
CA PRO B 220 -0.59 -3.15 -20.67
C PRO B 220 -0.53 -4.63 -20.80
N ASN B 221 0.06 -5.11 -21.86
CA ASN B 221 0.26 -6.55 -22.03
C ASN B 221 1.66 -6.91 -21.59
N VAL B 222 1.83 -7.68 -20.47
CA VAL B 222 3.19 -8.04 -20.04
C VAL B 222 3.54 -9.48 -20.39
N GLY C 1 1.43 -7.64 28.13
CA GLY C 1 2.35 -7.19 27.10
C GLY C 1 1.66 -6.34 26.07
N ALA C 2 2.26 -6.29 24.88
CA ALA C 2 1.68 -5.54 23.79
C ALA C 2 0.39 -6.22 23.40
N LYS C 3 -0.62 -5.44 22.95
CA LYS C 3 -1.91 -5.98 22.56
C LYS C 3 -2.63 -5.32 21.37
N GLY D 1 -2.91 -4.00 21.80
CA GLY D 1 -4.03 -3.11 21.42
C GLY D 1 -5.07 -3.33 20.34
N ALA D 2 -6.38 -3.49 20.75
CA ALA D 2 -7.48 -3.71 19.81
C ALA D 2 -8.31 -2.47 19.48
N LYS D 3 -8.84 -2.40 18.24
CA LYS D 3 -9.71 -1.29 17.85
C LYS D 3 -10.92 -1.39 18.77
N SER D 4 -11.39 -0.26 19.30
CA SER D 4 -12.55 -0.36 20.21
C SER D 4 -13.79 0.23 19.56
N GLU E 1 -6.40 15.37 -24.26
CA GLU E 1 -5.26 15.13 -23.38
C GLU E 1 -5.65 15.02 -21.90
N TYR E 2 -5.18 13.96 -21.20
CA TYR E 2 -5.52 13.82 -19.79
C TYR E 2 -4.42 14.40 -18.95
N SER E 3 -4.77 15.06 -17.85
CA SER E 3 -3.68 15.59 -17.00
C SER E 3 -3.93 15.33 -15.53
C1 MPD F . -5.28 -0.39 23.84
C2 MPD F . -5.08 -0.40 22.33
O2 MPD F . -3.68 -0.41 22.05
CM MPD F . -5.71 -1.67 21.75
C3 MPD F . -5.70 0.85 21.71
C4 MPD F . -7.18 1.19 21.97
O4 MPD F . -7.44 2.52 21.54
C5 MPD F . -8.14 0.22 21.31
C1 MPD G . 0.37 -6.90 23.88
C2 MPD G . 1.50 -6.02 24.40
O2 MPD G . 0.93 -4.83 24.98
CM MPD G . 2.24 -6.78 25.50
C3 MPD G . 2.45 -5.65 23.25
C4 MPD G . 3.82 -5.07 23.57
O4 MPD G . 4.70 -5.16 22.45
C5 MPD G . 3.84 -3.65 24.15
CL CL H . -2.93 -6.19 20.74
C1 GOL I . 21.03 -1.28 13.83
O1 GOL I . 20.18 -2.27 14.39
C2 GOL I . 21.84 -1.86 12.67
O2 GOL I . 22.64 -2.94 13.16
C3 GOL I . 20.96 -2.37 11.54
O3 GOL I . 21.74 -2.90 10.49
CL CL J . 9.14 -7.21 21.70
C1 MPD K . 17.84 -11.21 -2.74
C2 MPD K . 16.71 -11.53 -3.72
O2 MPD K . 17.08 -11.06 -5.01
CM MPD K . 16.51 -13.04 -3.78
C3 MPD K . 15.42 -10.84 -3.28
C4 MPD K . 15.46 -9.35 -2.99
O4 MPD K . 16.03 -8.66 -4.10
C5 MPD K . 14.08 -8.81 -2.71
C1 MPD L . -7.50 19.94 -14.32
C2 MPD L . -8.15 18.79 -13.55
O2 MPD L . -9.54 18.76 -13.86
CM MPD L . -7.50 17.47 -13.97
C3 MPD L . -7.95 19.02 -12.05
C4 MPD L . -9.07 19.73 -11.29
O4 MPD L . -10.15 18.81 -11.18
C5 MPD L . -8.63 20.14 -9.89
CL CL M . -5.15 6.49 -23.02
C1 TFA N . 13.78 11.88 -3.58
C2 TFA N . 14.22 13.35 -3.61
O TFA N . 14.35 11.06 -4.27
F1 TFA N . 13.52 14.10 -2.78
F2 TFA N . 15.49 13.50 -3.29
F3 TFA N . 14.08 13.89 -4.82
OXT TFA N . 12.85 11.53 -2.88
C1 GOL O . -6.82 4.08 -27.16
O1 GOL O . -5.87 4.53 -28.12
C2 GOL O . -7.18 5.19 -26.18
O2 GOL O . -7.39 6.40 -26.90
C3 GOL O . -8.43 4.85 -25.36
O3 GOL O . -8.24 3.66 -24.61
C1 GOL P . 3.06 22.81 -15.82
O1 GOL P . 2.94 22.47 -17.19
C2 GOL P . 1.68 22.89 -15.15
O2 GOL P . 0.85 23.75 -15.91
C3 GOL P . 1.01 21.54 -15.01
O3 GOL P . -0.26 21.68 -14.38
C1 MPD Q . 0.81 -11.37 0.03
C2 MPD Q . -0.14 -11.82 -1.06
O2 MPD Q . -0.57 -13.15 -0.78
CM MPD Q . -1.35 -10.88 -1.08
C3 MPD Q . 0.59 -11.79 -2.41
C4 MPD Q . 1.47 -12.97 -2.77
O4 MPD Q . 0.64 -14.04 -3.23
C5 MPD Q . 2.49 -12.65 -3.85
#